data_7NQP
#
_entry.id   7NQP
#
_cell.length_a   82.408
_cell.length_b   112.028
_cell.length_c   62.602
_cell.angle_alpha   90.000
_cell.angle_beta   90.000
_cell.angle_gamma   90.000
#
_symmetry.space_group_name_H-M   'C 2 2 21'
#
loop_
_entity.id
_entity.type
_entity.pdbx_description
1 polymer '14-3-3 protein sigma'
2 polymer 'Transcription factor p65'
3 non-polymer 2-bromanyl-4-(2-phenylimidazol-1-yl)benzaldehyde
4 non-polymer 'MAGNESIUM ION'
5 water water
#
loop_
_entity_poly.entity_id
_entity_poly.type
_entity_poly.pdbx_seq_one_letter_code
_entity_poly.pdbx_strand_id
1 'polypeptide(L)'
;GAMGSMERASLIQKAKLAEQAERYEDMAAFMKGAVEKGEELS(CSO)EERNLLSVAYKNVVGGQRAAWRVLSSIEQKSNE
EGSEEKGPEVREYREKVETELQGVCDTVLGLLDSHLIKEAGDAESRVFYLKMKGDYYRYLAEVATGDDKKRIIDSARSAY
QEAMDISKKEMPPTNPIRLGLALNFSVFHYEIANSPEEAISLAKTTFDEAMADLHTLSEDSYKDSTLIMQLLRDNLTLWT
ADNAGEEGGEAPQEPQS
;
A
2 'polypeptide(L)' EGRSAG(SEP)IPGRRS P
#
loop_
_chem_comp.id
_chem_comp.type
_chem_comp.name
_chem_comp.formula
MG non-polymer 'MAGNESIUM ION' 'Mg 2'
TJ8 non-polymer 2-bromanyl-4-(2-phenylimidazol-1-yl)benzaldehyde 'C16 H11 Br N2 O'
#
# COMPACT_ATOMS: atom_id res chain seq x y z
N MET A 3 11.04 -13.58 -16.08
CA MET A 3 11.24 -12.47 -17.01
C MET A 3 12.73 -12.21 -17.20
N GLY A 4 13.56 -13.18 -16.81
CA GLY A 4 14.99 -12.99 -16.82
C GLY A 4 15.57 -12.71 -18.19
N SER A 5 14.91 -13.16 -19.27
N SER A 5 14.90 -13.16 -19.25
CA SER A 5 15.44 -12.93 -20.60
CA SER A 5 15.39 -12.96 -20.61
C SER A 5 14.94 -11.66 -21.25
C SER A 5 14.97 -11.64 -21.23
N MET A 6 14.05 -10.90 -20.62
CA MET A 6 13.57 -9.66 -21.21
C MET A 6 14.35 -8.48 -20.67
N GLU A 7 14.65 -7.52 -21.54
CA GLU A 7 15.36 -6.31 -21.13
C GLU A 7 14.57 -5.56 -20.08
N ARG A 8 15.28 -4.94 -19.14
CA ARG A 8 14.64 -4.07 -18.15
C ARG A 8 13.73 -3.04 -18.80
N ALA A 9 14.21 -2.35 -19.86
CA ALA A 9 13.41 -1.27 -20.43
C ALA A 9 12.14 -1.84 -21.06
N SER A 10 12.26 -3.03 -21.65
CA SER A 10 11.10 -3.70 -22.24
C SER A 10 10.06 -4.11 -21.18
N LEU A 11 10.52 -4.58 -20.03
CA LEU A 11 9.61 -4.89 -18.94
C LEU A 11 8.87 -3.64 -18.48
N ILE A 12 9.56 -2.52 -18.38
CA ILE A 12 8.92 -1.28 -17.94
C ILE A 12 7.91 -0.84 -18.97
N GLN A 13 8.30 -0.89 -20.24
CA GLN A 13 7.37 -0.51 -21.30
C GLN A 13 6.12 -1.41 -21.32
N LYS A 14 6.32 -2.70 -21.16
CA LYS A 14 5.17 -3.61 -21.11
C LYS A 14 4.32 -3.40 -19.87
N ALA A 15 4.93 -3.05 -18.72
CA ALA A 15 4.13 -2.73 -17.54
C ALA A 15 3.18 -1.57 -17.84
N LYS A 16 3.68 -0.57 -18.59
CA LYS A 16 2.84 0.58 -18.91
C LYS A 16 1.72 0.19 -19.86
N LEU A 17 2.02 -0.68 -20.82
CA LEU A 17 0.98 -1.18 -21.73
C LEU A 17 -0.05 -2.00 -20.96
N ALA A 18 0.43 -2.82 -20.01
CA ALA A 18 -0.49 -3.66 -19.25
C ALA A 18 -1.41 -2.79 -18.42
N GLU A 19 -0.90 -1.69 -17.85
CA GLU A 19 -1.78 -0.78 -17.12
C GLU A 19 -2.87 -0.24 -18.04
N GLN A 20 -2.48 0.21 -19.23
CA GLN A 20 -3.46 0.76 -20.15
C GLN A 20 -4.51 -0.27 -20.52
N ALA A 21 -4.12 -1.54 -20.63
CA ALA A 21 -5.02 -2.63 -20.97
C ALA A 21 -5.73 -3.22 -19.74
N GLU A 22 -5.50 -2.66 -18.56
CA GLU A 22 -6.08 -3.15 -17.31
C GLU A 22 -5.75 -4.62 -17.06
N ARG A 23 -4.53 -5.02 -17.39
CA ARG A 23 -4.02 -6.37 -17.21
C ARG A 23 -3.05 -6.28 -16.02
N TYR A 24 -3.61 -6.21 -14.81
CA TYR A 24 -2.76 -5.92 -13.66
C TYR A 24 -1.91 -7.10 -13.22
N GLU A 25 -2.36 -8.33 -13.40
CA GLU A 25 -1.48 -9.45 -13.08
C GLU A 25 -0.25 -9.41 -13.97
N ASP A 26 -0.45 -9.20 -15.28
CA ASP A 26 0.69 -9.05 -16.17
C ASP A 26 1.56 -7.89 -15.72
N MET A 27 0.94 -6.75 -15.43
CA MET A 27 1.69 -5.60 -14.95
C MET A 27 2.59 -5.94 -13.80
N ALA A 28 2.04 -6.63 -12.80
CA ALA A 28 2.82 -6.99 -11.63
C ALA A 28 3.97 -7.94 -11.98
N ALA A 29 3.73 -8.88 -12.88
CA ALA A 29 4.78 -9.78 -13.28
C ALA A 29 5.90 -9.03 -14.00
N PHE A 30 5.55 -8.08 -14.88
CA PHE A 30 6.57 -7.29 -15.56
C PHE A 30 7.37 -6.49 -14.54
N MET A 31 6.70 -5.87 -13.56
CA MET A 31 7.44 -5.03 -12.60
C MET A 31 8.27 -5.89 -11.64
N LYS A 32 7.79 -7.09 -11.26
CA LYS A 32 8.64 -8.02 -10.50
C LYS A 32 9.90 -8.33 -11.29
N GLY A 33 9.74 -8.63 -12.59
CA GLY A 33 10.92 -8.85 -13.43
C GLY A 33 11.86 -7.66 -13.45
N ALA A 34 11.30 -6.45 -13.54
CA ALA A 34 12.14 -5.25 -13.54
C ALA A 34 12.89 -5.12 -12.21
N VAL A 35 12.21 -5.31 -11.09
CA VAL A 35 12.89 -5.22 -9.81
C VAL A 35 14.01 -6.24 -9.75
N GLU A 36 13.76 -7.46 -10.24
CA GLU A 36 14.75 -8.51 -10.13
C GLU A 36 15.96 -8.26 -11.01
N LYS A 37 15.96 -7.26 -11.86
CA LYS A 37 17.18 -6.91 -12.58
C LYS A 37 18.23 -6.36 -11.63
N GLY A 38 17.83 -5.92 -10.43
CA GLY A 38 18.77 -5.54 -9.40
C GLY A 38 19.09 -4.07 -9.32
N GLU A 39 18.65 -3.26 -10.28
N GLU A 39 18.63 -3.26 -10.26
CA GLU A 39 18.87 -1.83 -10.20
CA GLU A 39 18.85 -1.82 -10.26
C GLU A 39 17.78 -1.19 -9.36
C GLU A 39 17.74 -1.13 -9.46
N GLU A 40 18.09 -0.03 -8.80
CA GLU A 40 17.09 0.78 -8.12
C GLU A 40 16.00 1.23 -9.08
N LEU A 41 14.83 1.59 -8.56
CA LEU A 41 13.69 2.03 -9.36
C LEU A 41 13.58 3.55 -9.29
N SER A 42 13.26 4.17 -10.40
CA SER A 42 12.96 5.58 -10.43
C SER A 42 11.58 5.85 -9.79
N CSO A 43 11.22 7.12 -9.61
N CSO A 43 11.22 7.13 -9.65
CA CSO A 43 9.96 7.48 -9.03
CA CSO A 43 9.96 7.50 -9.02
CB CSO A 43 9.94 9.02 -9.02
CB CSO A 43 9.90 9.02 -8.84
SG CSO A 43 8.45 9.69 -8.32
SG CSO A 43 8.22 9.62 -8.49
C CSO A 43 8.80 6.89 -9.82
C CSO A 43 8.76 6.97 -9.80
O CSO A 43 7.89 6.29 -9.28
O CSO A 43 7.79 6.49 -9.22
OD CSO A 43 7.18 9.77 -9.60
OD CSO A 43 8.11 10.12 -6.78
N GLU A 44 8.84 7.04 -11.13
CA GLU A 44 7.79 6.52 -11.97
C GLU A 44 7.72 5.00 -11.89
N GLU A 45 8.88 4.36 -11.86
CA GLU A 45 8.91 2.90 -11.80
C GLU A 45 8.37 2.39 -10.46
N ARG A 46 8.65 3.09 -9.35
CA ARG A 46 8.07 2.72 -8.06
C ARG A 46 6.56 2.82 -8.13
N ASN A 47 6.03 3.86 -8.78
CA ASN A 47 4.59 3.98 -8.91
C ASN A 47 4.03 2.82 -9.73
N LEU A 48 4.72 2.39 -10.79
CA LEU A 48 4.20 1.28 -11.57
C LEU A 48 4.16 0.01 -10.74
N LEU A 49 5.20 -0.23 -9.94
CA LEU A 49 5.23 -1.41 -9.08
C LEU A 49 4.06 -1.38 -8.12
N SER A 50 3.87 -0.23 -7.47
CA SER A 50 2.79 -0.11 -6.49
C SER A 50 1.42 -0.28 -7.11
N VAL A 51 1.16 0.37 -8.23
N VAL A 51 1.14 0.36 -8.25
CA VAL A 51 -0.16 0.28 -8.87
CA VAL A 51 -0.21 0.27 -8.81
C VAL A 51 -0.47 -1.16 -9.23
C VAL A 51 -0.51 -1.10 -9.43
N ALA A 52 0.52 -1.87 -9.80
CA ALA A 52 0.30 -3.22 -10.27
C ALA A 52 -0.15 -4.12 -9.11
N TYR A 53 0.65 -4.15 -8.05
CA TYR A 53 0.32 -5.04 -6.94
C TYR A 53 -0.89 -4.56 -6.17
N LYS A 54 -1.13 -3.24 -6.07
CA LYS A 54 -2.33 -2.78 -5.37
C LYS A 54 -3.59 -3.29 -6.05
N ASN A 55 -3.59 -3.28 -7.37
CA ASN A 55 -4.74 -3.78 -8.11
C ASN A 55 -4.88 -5.29 -7.96
N VAL A 56 -3.78 -6.03 -8.04
CA VAL A 56 -3.88 -7.48 -7.89
C VAL A 56 -4.42 -7.82 -6.50
N VAL A 57 -3.78 -7.32 -5.45
N VAL A 57 -3.76 -7.33 -5.45
CA VAL A 57 -4.20 -7.67 -4.11
CA VAL A 57 -4.22 -7.66 -4.10
C VAL A 57 -5.55 -7.05 -3.79
C VAL A 57 -5.59 -7.08 -3.83
N GLY A 58 -5.90 -5.92 -4.41
CA GLY A 58 -7.20 -5.33 -4.18
C GLY A 58 -8.33 -6.22 -4.64
N GLY A 59 -8.16 -6.87 -5.80
CA GLY A 59 -9.17 -7.81 -6.26
C GLY A 59 -9.25 -9.02 -5.35
N GLN A 60 -8.10 -9.51 -4.88
CA GLN A 60 -8.10 -10.65 -3.97
C GLN A 60 -8.79 -10.31 -2.66
N ARG A 61 -8.51 -9.14 -2.10
CA ARG A 61 -9.12 -8.72 -0.85
C ARG A 61 -10.62 -8.57 -1.02
N ALA A 62 -11.08 -8.01 -2.13
CA ALA A 62 -12.51 -7.87 -2.33
C ALA A 62 -13.16 -9.24 -2.42
N ALA A 63 -12.52 -10.18 -3.11
CA ALA A 63 -13.08 -11.55 -3.19
C ALA A 63 -13.08 -12.23 -1.84
N TRP A 64 -12.00 -12.09 -1.08
CA TRP A 64 -11.93 -12.68 0.25
C TRP A 64 -13.03 -12.14 1.14
N ARG A 65 -13.35 -10.86 1.04
CA ARG A 65 -14.40 -10.30 1.88
C ARG A 65 -15.74 -10.85 1.49
N VAL A 66 -16.00 -11.03 0.19
CA VAL A 66 -17.26 -11.62 -0.23
C VAL A 66 -17.41 -13.02 0.33
N LEU A 67 -16.35 -13.83 0.21
CA LEU A 67 -16.40 -15.22 0.65
C LEU A 67 -16.46 -15.32 2.17
N SER A 68 -15.72 -14.45 2.86
N SER A 68 -15.71 -14.47 2.88
CA SER A 68 -15.74 -14.44 4.33
CA SER A 68 -15.78 -14.49 4.34
C SER A 68 -17.12 -14.10 4.84
C SER A 68 -17.17 -14.13 4.83
N SER A 69 -17.82 -13.18 4.17
CA SER A 69 -19.17 -12.82 4.58
C SER A 69 -20.12 -13.99 4.38
N ILE A 70 -20.02 -14.68 3.25
CA ILE A 70 -20.86 -15.86 3.00
C ILE A 70 -20.57 -16.93 4.04
N GLU A 71 -19.29 -17.12 4.36
CA GLU A 71 -18.89 -18.15 5.32
C GLU A 71 -19.44 -17.85 6.71
N GLN A 72 -19.40 -16.57 7.11
CA GLN A 72 -19.92 -16.19 8.42
C GLN A 72 -21.42 -16.41 8.49
N LYS A 73 -22.13 -16.12 7.40
CA LYS A 73 -23.58 -16.39 7.37
C LYS A 73 -23.85 -17.88 7.50
N SER A 74 -23.04 -18.72 6.86
CA SER A 74 -23.26 -20.17 6.93
C SER A 74 -23.06 -20.70 8.34
N ASN A 75 -22.15 -20.11 9.11
CA ASN A 75 -21.88 -20.55 10.48
C ASN A 75 -22.63 -19.71 11.49
N GLY A 83 -21.80 -27.68 3.71
CA GLY A 83 -20.57 -28.43 3.47
C GLY A 83 -19.33 -27.57 3.53
N PRO A 84 -18.18 -28.16 3.20
CA PRO A 84 -16.91 -27.45 3.36
C PRO A 84 -16.57 -26.46 2.25
N GLU A 85 -17.40 -26.32 1.22
CA GLU A 85 -16.96 -25.62 0.01
C GLU A 85 -16.67 -24.15 0.25
N VAL A 86 -17.51 -23.44 0.99
CA VAL A 86 -17.27 -22.00 1.15
C VAL A 86 -15.97 -21.76 1.90
N ARG A 87 -15.76 -22.49 3.00
CA ARG A 87 -14.50 -22.40 3.71
C ARG A 87 -13.32 -22.79 2.82
N GLU A 88 -13.45 -23.87 2.06
CA GLU A 88 -12.34 -24.29 1.21
C GLU A 88 -12.00 -23.22 0.20
N TYR A 89 -13.02 -22.62 -0.41
CA TYR A 89 -12.74 -21.63 -1.44
C TYR A 89 -12.21 -20.33 -0.83
N ARG A 90 -12.75 -19.90 0.32
CA ARG A 90 -12.17 -18.75 1.03
C ARG A 90 -10.74 -19.01 1.37
N GLU A 91 -10.39 -20.22 1.80
CA GLU A 91 -9.02 -20.57 2.11
C GLU A 91 -8.15 -20.52 0.87
N LYS A 92 -8.67 -20.95 -0.27
CA LYS A 92 -7.89 -20.89 -1.50
C LYS A 92 -7.58 -19.43 -1.87
N VAL A 93 -8.58 -18.58 -1.85
CA VAL A 93 -8.35 -17.17 -2.15
C VAL A 93 -7.40 -16.56 -1.13
N GLU A 94 -7.56 -16.92 0.14
CA GLU A 94 -6.69 -16.40 1.18
C GLU A 94 -5.23 -16.78 0.95
N THR A 95 -4.98 -18.03 0.55
CA THR A 95 -3.60 -18.47 0.36
C THR A 95 -3.00 -17.74 -0.84
N GLU A 96 -3.80 -17.49 -1.87
N GLU A 96 -3.80 -17.54 -1.88
CA GLU A 96 -3.31 -16.76 -3.06
CA GLU A 96 -3.32 -16.79 -3.03
C GLU A 96 -3.01 -15.30 -2.74
C GLU A 96 -2.94 -15.38 -2.61
N LEU A 97 -3.84 -14.71 -1.87
CA LEU A 97 -3.57 -13.35 -1.39
C LEU A 97 -2.30 -13.30 -0.56
N GLN A 98 -2.13 -14.25 0.36
CA GLN A 98 -0.93 -14.28 1.17
C GLN A 98 0.29 -14.45 0.29
N GLY A 99 0.18 -15.25 -0.76
CA GLY A 99 1.33 -15.43 -1.64
C GLY A 99 1.73 -14.16 -2.36
N VAL A 100 0.75 -13.38 -2.80
CA VAL A 100 1.06 -12.10 -3.42
C VAL A 100 1.72 -11.17 -2.41
N CYS A 101 1.18 -11.08 -1.19
CA CYS A 101 1.78 -10.24 -0.19
C CYS A 101 3.21 -10.67 0.10
N ASP A 102 3.44 -11.98 0.23
CA ASP A 102 4.80 -12.47 0.48
C ASP A 102 5.71 -12.13 -0.67
N THR A 103 5.20 -12.16 -1.89
CA THR A 103 6.03 -11.80 -3.05
C THR A 103 6.45 -10.36 -2.97
N VAL A 104 5.51 -9.46 -2.68
CA VAL A 104 5.84 -8.03 -2.62
C VAL A 104 6.82 -7.79 -1.48
N LEU A 105 6.52 -8.36 -0.30
CA LEU A 105 7.44 -8.19 0.82
C LEU A 105 8.81 -8.71 0.49
N GLY A 106 8.87 -9.81 -0.28
CA GLY A 106 10.17 -10.35 -0.65
C GLY A 106 10.94 -9.40 -1.57
N LEU A 107 10.24 -8.74 -2.50
CA LEU A 107 10.93 -7.75 -3.35
C LEU A 107 11.46 -6.60 -2.50
N LEU A 108 10.67 -6.15 -1.53
CA LEU A 108 11.10 -5.06 -0.68
C LEU A 108 12.32 -5.46 0.12
N ASP A 109 12.35 -6.71 0.60
CA ASP A 109 13.47 -7.20 1.41
C ASP A 109 14.67 -7.61 0.56
N SER A 110 14.51 -7.78 -0.73
CA SER A 110 15.59 -8.29 -1.58
C SER A 110 15.52 -7.61 -2.94
N HIS A 111 15.99 -6.37 -3.05
CA HIS A 111 16.73 -5.63 -2.02
C HIS A 111 16.33 -4.16 -2.05
N LEU A 112 15.05 -3.90 -2.31
CA LEU A 112 14.65 -2.52 -2.58
C LEU A 112 14.87 -1.59 -1.38
N ILE A 113 14.46 -2.00 -0.18
CA ILE A 113 14.60 -1.12 0.97
C ILE A 113 16.05 -0.86 1.28
N LYS A 114 16.88 -1.91 1.29
CA LYS A 114 18.24 -1.68 1.74
C LYS A 114 19.01 -0.79 0.80
N GLU A 115 18.67 -0.76 -0.48
CA GLU A 115 19.37 0.10 -1.41
C GLU A 115 18.77 1.49 -1.50
N ALA A 116 17.65 1.74 -0.83
CA ALA A 116 16.97 3.04 -0.91
C ALA A 116 17.52 4.00 0.16
N GLY A 117 18.30 4.97 -0.29
CA GLY A 117 18.92 5.97 0.56
C GLY A 117 18.18 7.27 0.58
N ASP A 118 17.57 7.66 -0.53
CA ASP A 118 16.89 8.94 -0.49
C ASP A 118 15.61 8.77 0.28
N ALA A 119 15.20 9.83 0.97
CA ALA A 119 14.03 9.72 1.81
C ALA A 119 12.80 9.36 1.02
N GLU A 120 12.66 9.88 -0.20
CA GLU A 120 11.46 9.62 -0.99
C GLU A 120 11.35 8.14 -1.32
N SER A 121 12.45 7.51 -1.71
CA SER A 121 12.35 6.10 -2.06
C SER A 121 12.17 5.24 -0.83
N ARG A 122 12.91 5.53 0.24
CA ARG A 122 12.83 4.69 1.43
C ARG A 122 11.46 4.76 2.06
N VAL A 123 10.90 5.97 2.17
CA VAL A 123 9.53 6.11 2.71
C VAL A 123 8.53 5.38 1.83
N PHE A 124 8.66 5.51 0.50
CA PHE A 124 7.74 4.82 -0.39
C PHE A 124 7.74 3.32 -0.14
N TYR A 125 8.92 2.71 -0.03
CA TYR A 125 9.00 1.27 0.15
C TYR A 125 8.53 0.85 1.53
N LEU A 126 8.84 1.64 2.56
CA LEU A 126 8.39 1.27 3.89
C LEU A 126 6.89 1.41 4.03
N LYS A 127 6.29 2.39 3.38
CA LYS A 127 4.83 2.45 3.31
C LYS A 127 4.30 1.18 2.65
N MET A 128 4.88 0.77 1.51
CA MET A 128 4.45 -0.50 0.92
C MET A 128 4.58 -1.65 1.90
N LYS A 129 5.68 -1.72 2.62
CA LYS A 129 5.87 -2.81 3.56
C LYS A 129 4.77 -2.82 4.60
N GLY A 130 4.44 -1.63 5.16
CA GLY A 130 3.34 -1.57 6.11
C GLY A 130 2.03 -2.02 5.50
N ASP A 131 1.76 -1.58 4.27
CA ASP A 131 0.52 -1.94 3.60
C ASP A 131 0.38 -3.44 3.41
N TYR A 132 1.45 -4.12 2.96
CA TYR A 132 1.32 -5.56 2.67
C TYR A 132 1.29 -6.38 3.94
N TYR A 133 1.97 -5.95 5.01
CA TYR A 133 1.73 -6.57 6.30
C TYR A 133 0.30 -6.31 6.77
N ARG A 134 -0.24 -5.12 6.51
CA ARG A 134 -1.63 -4.84 6.87
C ARG A 134 -2.59 -5.77 6.15
N TYR A 135 -2.35 -6.03 4.85
CA TYR A 135 -3.22 -6.96 4.13
C TYR A 135 -3.08 -8.38 4.68
N LEU A 136 -1.87 -8.79 5.05
CA LEU A 136 -1.72 -10.07 5.77
C LEU A 136 -2.50 -10.06 7.08
N ALA A 137 -2.49 -8.93 7.80
CA ALA A 137 -3.18 -8.87 9.09
C ALA A 137 -4.68 -8.97 8.92
N GLU A 138 -5.23 -8.51 7.81
CA GLU A 138 -6.66 -8.54 7.60
C GLU A 138 -7.19 -9.96 7.57
N VAL A 139 -6.36 -10.93 7.19
CA VAL A 139 -6.80 -12.32 7.07
C VAL A 139 -6.18 -13.22 8.12
N ALA A 140 -5.34 -12.67 8.99
CA ALA A 140 -4.67 -13.45 10.00
C ALA A 140 -5.56 -13.66 11.22
N THR A 141 -5.27 -14.73 11.95
CA THR A 141 -5.97 -15.00 13.19
C THR A 141 -4.97 -15.27 14.32
N GLY A 142 -5.32 -14.83 15.53
CA GLY A 142 -4.66 -15.35 16.72
C GLY A 142 -3.27 -14.78 16.96
N ASP A 143 -2.34 -15.67 17.28
CA ASP A 143 -0.99 -15.32 17.70
C ASP A 143 0.05 -15.48 16.59
N ASP A 144 -0.39 -15.54 15.34
CA ASP A 144 0.38 -15.04 14.22
C ASP A 144 -0.04 -13.64 13.87
N LYS A 145 -1.30 -13.33 14.15
CA LYS A 145 -1.84 -12.02 13.83
C LYS A 145 -1.08 -10.94 14.59
N LYS A 146 -0.70 -11.21 15.85
CA LYS A 146 0.00 -10.19 16.63
C LYS A 146 1.32 -9.82 16.00
N ARG A 147 2.13 -10.81 15.60
CA ARG A 147 3.43 -10.48 15.04
C ARG A 147 3.28 -9.80 13.69
N ILE A 148 2.27 -10.17 12.90
CA ILE A 148 2.04 -9.52 11.61
C ILE A 148 1.65 -8.07 11.84
N ILE A 149 0.78 -7.81 12.81
CA ILE A 149 0.36 -6.46 13.14
C ILE A 149 1.57 -5.63 13.56
N ASP A 150 2.45 -6.21 14.37
CA ASP A 150 3.59 -5.42 14.80
C ASP A 150 4.55 -5.13 13.65
N SER A 151 4.67 -6.07 12.69
CA SER A 151 5.50 -5.80 11.53
C SER A 151 4.94 -4.66 10.71
N ALA A 152 3.62 -4.60 10.54
CA ALA A 152 3.03 -3.47 9.83
C ALA A 152 3.31 -2.17 10.57
N ARG A 153 3.06 -2.18 11.87
N ARG A 153 3.06 -2.18 11.88
CA ARG A 153 3.24 -0.98 12.68
CA ARG A 153 3.26 -1.00 12.70
C ARG A 153 4.68 -0.49 12.61
C ARG A 153 4.67 -0.50 12.60
N SER A 154 5.64 -1.41 12.68
CA SER A 154 7.04 -1.02 12.73
C SER A 154 7.46 -0.40 11.40
N ALA A 155 7.00 -0.97 10.28
CA ALA A 155 7.32 -0.40 8.96
C ALA A 155 6.71 1.00 8.81
N TYR A 156 5.41 1.13 9.13
CA TYR A 156 4.77 2.44 9.05
C TYR A 156 5.47 3.45 9.94
N GLN A 157 5.86 3.04 11.17
CA GLN A 157 6.48 3.98 12.11
C GLN A 157 7.82 4.46 11.59
N GLU A 158 8.64 3.56 11.03
CA GLU A 158 9.91 4.01 10.48
C GLU A 158 9.68 4.97 9.33
N ALA A 159 8.71 4.67 8.47
CA ALA A 159 8.40 5.58 7.36
C ALA A 159 7.95 6.94 7.89
N MET A 160 7.13 6.93 8.94
CA MET A 160 6.64 8.18 9.53
C MET A 160 7.80 8.98 10.08
N ASP A 161 8.72 8.31 10.78
CA ASP A 161 9.84 9.04 11.38
C ASP A 161 10.69 9.71 10.30
N ILE A 162 10.98 8.98 9.20
CA ILE A 162 11.76 9.57 8.12
C ILE A 162 11.00 10.71 7.47
N SER A 163 9.71 10.51 7.19
CA SER A 163 8.95 11.50 6.44
C SER A 163 8.82 12.80 7.22
N LYS A 164 8.69 12.71 8.54
CA LYS A 164 8.53 13.93 9.32
C LYS A 164 9.83 14.71 9.33
N LYS A 165 10.97 14.02 9.27
CA LYS A 165 12.26 14.70 9.26
C LYS A 165 12.64 15.24 7.90
N GLU A 166 12.25 14.56 6.81
CA GLU A 166 12.83 14.79 5.50
C GLU A 166 11.87 15.31 4.45
N MET A 167 10.56 15.33 4.69
CA MET A 167 9.63 15.76 3.67
C MET A 167 8.69 16.81 4.20
N PRO A 168 8.22 17.73 3.35
CA PRO A 168 7.23 18.71 3.79
C PRO A 168 5.91 18.03 4.10
N PRO A 169 5.08 18.66 4.94
CA PRO A 169 3.82 18.03 5.34
C PRO A 169 2.84 17.86 4.21
N THR A 170 3.05 18.48 3.03
CA THR A 170 2.15 18.30 1.90
C THR A 170 2.65 17.26 0.92
N ASN A 171 3.81 16.67 1.15
CA ASN A 171 4.31 15.70 0.19
C ASN A 171 3.32 14.55 0.00
N PRO A 172 2.92 14.21 -1.22
CA PRO A 172 1.88 13.18 -1.38
C PRO A 172 2.21 11.83 -0.77
N ILE A 173 3.48 11.39 -0.80
CA ILE A 173 3.83 10.11 -0.18
C ILE A 173 3.67 10.21 1.33
N ARG A 174 4.17 11.30 1.94
CA ARG A 174 3.97 11.51 3.38
C ARG A 174 2.49 11.53 3.74
N LEU A 175 1.66 12.19 2.93
CA LEU A 175 0.24 12.26 3.20
C LEU A 175 -0.39 10.88 3.07
N GLY A 176 -0.07 10.14 1.98
CA GLY A 176 -0.64 8.81 1.81
C GLY A 176 -0.19 7.83 2.88
N LEU A 177 1.07 7.92 3.28
CA LEU A 177 1.56 7.12 4.40
C LEU A 177 0.73 7.39 5.65
N ALA A 178 0.48 8.67 5.95
CA ALA A 178 -0.28 8.99 7.16
C ALA A 178 -1.71 8.49 7.03
N LEU A 179 -2.31 8.65 5.84
CA LEU A 179 -3.65 8.12 5.61
C LEU A 179 -3.69 6.62 5.87
N ASN A 180 -2.75 5.88 5.29
CA ASN A 180 -2.79 4.43 5.43
C ASN A 180 -2.48 3.99 6.84
N PHE A 181 -1.56 4.67 7.52
CA PHE A 181 -1.25 4.33 8.91
C PHE A 181 -2.48 4.61 9.78
N SER A 182 -3.21 5.67 9.48
N SER A 182 -3.23 5.68 9.47
CA SER A 182 -4.44 5.97 10.22
CA SER A 182 -4.44 5.94 10.25
C SER A 182 -5.50 4.90 9.99
C SER A 182 -5.44 4.81 10.04
N VAL A 183 -5.56 4.33 8.79
CA VAL A 183 -6.45 3.20 8.52
C VAL A 183 -6.00 1.97 9.29
N PHE A 184 -4.69 1.71 9.31
CA PHE A 184 -4.14 0.66 10.14
C PHE A 184 -4.59 0.80 11.60
N HIS A 185 -4.46 2.01 12.17
CA HIS A 185 -4.85 2.20 13.57
C HIS A 185 -6.34 1.88 13.74
N TYR A 186 -7.19 2.34 12.82
CA TYR A 186 -8.63 2.20 12.98
C TYR A 186 -9.09 0.76 12.78
N GLU A 187 -8.61 0.13 11.71
CA GLU A 187 -9.17 -1.14 11.25
C GLU A 187 -8.40 -2.34 11.76
N ILE A 188 -7.13 -2.21 12.06
CA ILE A 188 -6.30 -3.34 12.41
C ILE A 188 -5.94 -3.32 13.89
N ALA A 189 -5.46 -2.18 14.39
CA ALA A 189 -4.89 -2.10 15.72
C ALA A 189 -5.91 -1.76 16.79
N ASN A 190 -7.17 -1.61 16.42
CA ASN A 190 -8.22 -1.29 17.38
C ASN A 190 -7.91 -0.01 18.15
N SER A 191 -7.36 0.99 17.45
CA SER A 191 -6.96 2.26 18.05
C SER A 191 -7.65 3.40 17.32
N PRO A 192 -8.99 3.48 17.36
CA PRO A 192 -9.67 4.54 16.59
C PRO A 192 -9.28 5.94 17.03
N GLU A 193 -9.00 6.17 18.32
CA GLU A 193 -8.58 7.50 18.71
C GLU A 193 -7.24 7.88 18.09
N GLU A 194 -6.28 6.93 18.04
CA GLU A 194 -5.00 7.21 17.38
C GLU A 194 -5.23 7.49 15.91
N ALA A 195 -6.12 6.75 15.28
CA ALA A 195 -6.44 6.96 13.87
C ALA A 195 -6.94 8.38 13.63
N ILE A 196 -7.90 8.81 14.46
CA ILE A 196 -8.51 10.12 14.30
C ILE A 196 -7.49 11.22 14.57
N SER A 197 -6.70 11.06 15.64
N SER A 197 -6.65 11.04 15.60
CA SER A 197 -5.67 12.04 15.95
CA SER A 197 -5.65 12.05 15.95
C SER A 197 -4.72 12.20 14.78
C SER A 197 -4.58 12.18 14.88
N LEU A 198 -4.18 11.06 14.29
CA LEU A 198 -3.21 11.13 13.20
C LEU A 198 -3.82 11.78 11.97
N ALA A 199 -5.04 11.44 11.63
CA ALA A 199 -5.64 12.02 10.43
C ALA A 199 -5.82 13.53 10.59
N LYS A 200 -6.27 13.96 11.77
CA LYS A 200 -6.47 15.39 12.06
C LYS A 200 -5.17 16.18 12.01
N THR A 201 -4.14 15.73 12.72
CA THR A 201 -2.87 16.43 12.73
C THR A 201 -2.27 16.47 11.32
N THR A 202 -2.35 15.36 10.59
CA THR A 202 -1.83 15.35 9.22
C THR A 202 -2.57 16.36 8.37
N PHE A 203 -3.89 16.38 8.45
CA PHE A 203 -4.68 17.31 7.64
C PHE A 203 -4.31 18.74 7.96
N ASP A 204 -4.22 19.07 9.25
CA ASP A 204 -3.99 20.45 9.67
C ASP A 204 -2.60 20.91 9.29
N GLU A 205 -1.61 20.06 9.45
CA GLU A 205 -0.27 20.46 9.08
C GLU A 205 -0.11 20.61 7.58
N ALA A 206 -0.82 19.80 6.79
CA ALA A 206 -0.80 19.98 5.35
C ALA A 206 -1.48 21.30 4.96
N MET A 207 -2.66 21.56 5.54
CA MET A 207 -3.37 22.81 5.27
C MET A 207 -2.44 24.00 5.41
N ALA A 208 -1.67 24.04 6.48
CA ALA A 208 -0.84 25.17 6.79
C ALA A 208 0.37 25.30 5.86
N ASP A 209 0.65 24.30 5.04
CA ASP A 209 1.75 24.30 4.09
C ASP A 209 1.30 24.48 2.64
N LEU A 210 -0.01 24.52 2.36
CA LEU A 210 -0.50 24.61 0.99
C LEU A 210 -0.02 25.89 0.32
N HIS A 211 0.21 26.95 1.09
CA HIS A 211 0.57 28.25 0.50
C HIS A 211 1.88 28.17 -0.24
N THR A 212 2.70 27.16 0.06
CA THR A 212 4.01 27.06 -0.57
C THR A 212 3.99 26.38 -1.92
N LEU A 213 2.85 25.83 -2.33
CA LEU A 213 2.78 24.91 -3.44
C LEU A 213 2.35 25.58 -4.73
N SER A 214 2.84 25.05 -5.85
CA SER A 214 2.33 25.42 -7.16
C SER A 214 0.93 24.85 -7.33
N GLU A 215 0.26 25.27 -8.42
CA GLU A 215 -1.10 24.79 -8.66
C GLU A 215 -1.17 23.28 -8.81
N ASP A 216 -0.19 22.68 -9.50
CA ASP A 216 -0.25 21.22 -9.70
C ASP A 216 0.01 20.46 -8.41
N SER A 217 1.01 20.90 -7.63
CA SER A 217 1.26 20.26 -6.33
C SER A 217 0.08 20.45 -5.39
N TYR A 218 -0.54 21.64 -5.42
CA TYR A 218 -1.74 21.91 -4.64
C TYR A 218 -2.83 20.90 -4.93
N LYS A 219 -3.02 20.58 -6.22
N LYS A 219 -3.04 20.58 -6.21
CA LYS A 219 -4.08 19.66 -6.59
CA LYS A 219 -4.10 19.65 -6.57
C LYS A 219 -3.83 18.28 -6.00
C LYS A 219 -3.84 18.26 -6.00
N ASP A 220 -2.60 17.79 -6.10
CA ASP A 220 -2.29 16.46 -5.57
C ASP A 220 -2.48 16.43 -4.05
N SER A 221 -1.92 17.42 -3.35
CA SER A 221 -2.00 17.43 -1.89
C SER A 221 -3.44 17.56 -1.43
N THR A 222 -4.22 18.45 -2.04
CA THR A 222 -5.58 18.62 -1.55
C THR A 222 -6.43 17.38 -1.84
N LEU A 223 -6.09 16.64 -2.90
CA LEU A 223 -6.85 15.42 -3.17
C LEU A 223 -6.69 14.44 -2.00
N ILE A 224 -5.46 14.25 -1.52
CA ILE A 224 -5.25 13.30 -0.42
C ILE A 224 -5.79 13.85 0.88
N MET A 225 -5.73 15.18 1.05
CA MET A 225 -6.29 15.75 2.26
C MET A 225 -7.80 15.48 2.29
N GLN A 226 -8.47 15.47 1.13
CA GLN A 226 -9.89 15.15 1.11
C GLN A 226 -10.15 13.72 1.54
N LEU A 227 -9.26 12.80 1.18
CA LEU A 227 -9.40 11.43 1.66
C LEU A 227 -9.25 11.36 3.18
N LEU A 228 -8.29 12.10 3.75
CA LEU A 228 -8.20 12.16 5.20
C LEU A 228 -9.51 12.68 5.80
N ARG A 229 -10.04 13.76 5.23
CA ARG A 229 -11.29 14.34 5.71
C ARG A 229 -12.45 13.34 5.57
N ASP A 230 -12.48 12.59 4.46
CA ASP A 230 -13.55 11.61 4.28
C ASP A 230 -13.51 10.57 5.37
N ASN A 231 -12.32 10.10 5.77
CA ASN A 231 -12.23 9.17 6.88
C ASN A 231 -12.66 9.81 8.17
N LEU A 232 -12.19 11.03 8.44
CA LEU A 232 -12.60 11.72 9.64
C LEU A 232 -14.11 11.86 9.72
N THR A 233 -14.77 12.15 8.60
CA THR A 233 -16.23 12.25 8.60
C THR A 233 -16.88 10.90 8.90
N LEU A 234 -16.32 9.82 8.38
CA LEU A 234 -16.87 8.50 8.68
C LEU A 234 -16.63 8.09 10.13
N TRP A 235 -15.54 8.55 10.75
CA TRP A 235 -15.13 8.09 12.06
C TRP A 235 -15.62 8.98 13.19
N THR A 236 -16.18 10.14 12.88
CA THR A 236 -16.63 11.11 13.89
C THR A 236 -18.05 11.62 13.62
N ALA B 5 -11.57 2.84 7.01
CA ALA B 5 -12.30 3.43 5.89
C ALA B 5 -11.51 3.31 4.59
N GLY B 6 -11.19 4.45 3.97
CA GLY B 6 -10.47 4.44 2.71
C GLY B 6 -8.97 4.68 2.83
N SEP B 7 -8.18 3.75 2.29
CA SEP B 7 -6.74 3.93 2.14
CB SEP B 7 -6.04 2.58 2.20
OG SEP B 7 -6.58 1.77 1.14
C SEP B 7 -6.47 4.59 0.80
O SEP B 7 -7.40 4.85 0.01
P SEP B 7 -6.18 0.22 1.21
O1P SEP B 7 -6.83 -0.44 2.45
O2P SEP B 7 -6.79 -0.34 -0.14
O3P SEP B 7 -4.63 0.09 1.20
N ILE B 8 -5.19 4.87 0.50
CA ILE B 8 -4.84 5.48 -0.78
C ILE B 8 -5.36 4.56 -1.89
N PRO B 9 -6.17 5.09 -2.81
CA PRO B 9 -6.71 4.21 -3.87
C PRO B 9 -5.60 3.58 -4.69
N GLY B 10 -4.66 4.40 -5.15
CA GLY B 10 -3.44 3.94 -5.78
C GLY B 10 -3.59 2.83 -6.80
N ARG B 11 -4.70 2.83 -7.54
CA ARG B 11 -4.93 1.81 -8.56
C ARG B 11 -4.79 2.35 -9.98
N ARG B 12 -4.30 3.59 -10.13
CA ARG B 12 -4.04 4.18 -11.43
C ARG B 12 -2.78 5.04 -11.35
N SER B 13 -1.82 4.76 -12.24
CA SER B 13 -0.54 5.48 -12.27
C SER B 13 -0.77 6.98 -12.38
C02 TJ8 C . 0.98 5.79 -1.28
C03 TJ8 C . 1.02 6.89 -2.32
C04 TJ8 C . 1.31 6.51 -3.61
C06 TJ8 C . 1.38 7.48 -4.59
C07 TJ8 C . 0.77 8.22 -1.97
C08 TJ8 C . 0.84 9.18 -2.95
C09 TJ8 C . 1.14 8.81 -4.26
C11 TJ8 C . 0.32 10.62 -5.81
C12 TJ8 C . -1.15 10.60 -5.48
C13 TJ8 C . -1.78 9.41 -5.18
C14 TJ8 C . -3.13 9.38 -4.89
C15 TJ8 C . -3.84 10.56 -4.93
C16 TJ8 C . -3.22 11.75 -5.24
C17 TJ8 C . -1.87 11.78 -5.53
C19 TJ8 C . 2.21 11.15 -6.69
C20 TJ8 C . 2.41 10.16 -5.80
N10 TJ8 C . 1.26 9.83 -5.28
N18 TJ8 C . 0.92 11.44 -6.68
BR5 TJ8 C . 1.63 4.61 -4.04
MG MG D . 20.70 3.81 -3.26
#